data_8AIR
#
_entry.id   8AIR
#
_cell.length_a   63.127
_cell.length_b   63.127
_cell.length_c   222.746
_cell.angle_alpha   90.000
_cell.angle_beta   90.000
_cell.angle_gamma   120.000
#
_symmetry.space_group_name_H-M   'P 61 2 2'
#
loop_
_entity.id
_entity.type
_entity.pdbx_description
1 polymer RgCutII
2 non-polymer 'ACETATE ION'
3 water water
#
_entity_poly.entity_id   1
_entity_poly.type   'polypeptide(L)'
_entity_poly.pdbx_seq_one_letter_code
;MKLNRLFQVACLAATLVTATAASAVQIGPAPTKASLEASRGPFTVATTRLSANGHGGGTIYYPTNAGAKVGVIAIVPGYL
SYQSSIEWWGPRLASHGFAVVTIDTLTIYDQPSSRSSQQLRALDQVVALGSKSTSPLYNKVDGSRTGVMGWSMGGGGSLI
SAQNRPSIKAAAPQAPWNTTSNFSSLTVPTLIFACQADVVAPILSHAVPFYNSMSRNPKQYLERTAGDHFCFNNANPTVG
LKGVAWMKRFIDGDTRYTSFACSNPNALGFSSFRTERCSLEHHHHHH
;
_entity_poly.pdbx_strand_id   A
#
# COMPACT_ATOMS: atom_id res chain seq x y z
N VAL A 25 9.27 13.11 9.07
CA VAL A 25 10.17 12.32 9.93
C VAL A 25 11.10 11.55 9.00
N GLN A 26 12.30 11.26 9.50
CA GLN A 26 13.30 10.50 8.77
C GLN A 26 13.76 9.31 9.61
N ILE A 27 13.30 8.12 9.26
CA ILE A 27 13.61 6.92 9.99
C ILE A 27 14.51 6.05 9.10
N GLY A 28 15.52 5.45 9.74
CA GLY A 28 16.39 4.50 9.06
C GLY A 28 17.44 5.22 8.23
N PRO A 29 18.34 4.44 7.62
CA PRO A 29 19.50 4.94 6.88
C PRO A 29 19.11 5.55 5.54
N ALA A 30 20.07 6.28 4.98
CA ALA A 30 19.89 6.88 3.66
C ALA A 30 19.65 5.77 2.63
N PRO A 31 18.59 5.89 1.82
CA PRO A 31 18.24 4.82 0.90
C PRO A 31 19.13 4.78 -0.33
N THR A 32 19.27 3.59 -0.93
CA THR A 32 19.98 3.38 -2.18
C THR A 32 19.09 2.45 -3.01
N LYS A 33 19.35 2.46 -4.31
CA LYS A 33 18.64 1.55 -5.17
C LYS A 33 18.81 0.11 -4.67
N ALA A 34 20.04 -0.31 -4.41
CA ALA A 34 20.27 -1.67 -3.90
C ALA A 34 19.49 -1.93 -2.60
N SER A 35 19.48 -0.96 -1.67
CA SER A 35 18.85 -1.22 -0.38
C SER A 35 17.34 -1.28 -0.51
N LEU A 36 16.77 -0.60 -1.49
CA LEU A 36 15.32 -0.65 -1.68
C LEU A 36 14.91 -1.84 -2.55
N GLU A 37 15.80 -2.33 -3.42
CA GLU A 37 15.49 -3.55 -4.17
C GLU A 37 15.64 -4.82 -3.36
N ALA A 38 16.44 -4.79 -2.27
CA ALA A 38 16.70 -5.96 -1.44
C ALA A 38 15.43 -6.55 -0.82
N SER A 39 15.52 -7.83 -0.48
CA SER A 39 14.40 -8.56 0.11
CA SER A 39 14.37 -8.51 0.09
C SER A 39 13.88 -7.88 1.37
N ARG A 40 14.80 -7.31 2.19
CA ARG A 40 14.42 -6.65 3.44
C ARG A 40 15.18 -5.35 3.59
N GLY A 41 14.52 -4.42 4.23
CA GLY A 41 15.16 -3.21 4.73
C GLY A 41 15.92 -3.47 6.00
N PRO A 42 16.24 -2.41 6.75
CA PRO A 42 17.18 -2.59 7.86
C PRO A 42 16.65 -3.25 9.12
N PHE A 43 15.36 -3.21 9.30
CA PHE A 43 14.76 -3.61 10.58
C PHE A 43 14.26 -5.05 10.58
N THR A 44 14.31 -5.60 11.79
CA THR A 44 13.87 -6.94 12.09
C THR A 44 12.34 -6.90 12.29
N VAL A 45 11.61 -7.92 11.78
CA VAL A 45 10.15 -7.89 11.70
C VAL A 45 9.53 -8.96 12.60
N ALA A 46 8.71 -8.49 13.56
CA ALA A 46 7.86 -9.31 14.40
C ALA A 46 6.42 -9.23 13.88
N THR A 47 5.60 -10.15 14.39
CA THR A 47 4.17 -10.13 14.11
C THR A 47 3.31 -10.30 15.35
N THR A 48 2.09 -9.78 15.33
CA THR A 48 1.09 -10.03 16.36
C THR A 48 -0.27 -10.07 15.65
N ARG A 49 -1.25 -10.79 16.23
CA ARG A 49 -2.53 -11.02 15.56
C ARG A 49 -3.44 -9.81 15.80
N LEU A 50 -4.23 -9.48 14.76
CA LEU A 50 -5.32 -8.53 14.89
C LEU A 50 -6.61 -9.37 14.96
N SER A 51 -7.33 -9.31 16.07
CA SER A 51 -8.58 -10.05 16.18
C SER A 51 -9.62 -9.56 15.19
N ALA A 52 -10.49 -10.48 14.78
CA ALA A 52 -11.56 -10.18 13.84
C ALA A 52 -12.58 -9.27 14.50
N ASN A 53 -12.76 -8.05 13.99
CA ASN A 53 -13.72 -7.10 14.54
C ASN A 53 -14.16 -6.21 13.41
N GLY A 54 -15.19 -6.68 12.70
CA GLY A 54 -15.66 -5.93 11.55
C GLY A 54 -14.81 -6.24 10.32
N HIS A 55 -13.99 -7.31 10.40
CA HIS A 55 -13.25 -7.86 9.28
C HIS A 55 -12.92 -9.29 9.66
N GLY A 56 -12.09 -9.96 8.85
CA GLY A 56 -11.80 -11.35 9.05
C GLY A 56 -10.53 -11.62 9.87
N GLY A 57 -9.98 -10.62 10.53
CA GLY A 57 -8.75 -10.79 11.27
C GLY A 57 -7.56 -10.53 10.39
N GLY A 58 -6.40 -10.36 11.04
CA GLY A 58 -5.20 -10.07 10.29
C GLY A 58 -3.92 -10.35 11.06
N THR A 59 -2.83 -10.15 10.33
CA THR A 59 -1.51 -10.20 10.92
C THR A 59 -0.93 -8.80 10.85
N ILE A 60 -0.36 -8.35 11.98
CA ILE A 60 0.33 -7.07 12.04
C ILE A 60 1.83 -7.34 12.05
N TYR A 61 2.52 -6.88 11.01
CA TYR A 61 3.97 -6.96 10.88
C TYR A 61 4.52 -5.66 11.41
N TYR A 62 5.59 -5.68 12.20
CA TYR A 62 6.12 -4.42 12.71
C TYR A 62 7.59 -4.58 12.99
N PRO A 63 8.35 -3.45 12.87
CA PRO A 63 9.77 -3.50 13.16
C PRO A 63 10.01 -3.55 14.66
N THR A 64 10.99 -4.36 15.06
CA THR A 64 11.32 -4.44 16.49
C THR A 64 12.31 -3.34 16.89
N ASN A 65 12.97 -2.71 15.93
CA ASN A 65 14.14 -1.90 16.23
C ASN A 65 14.15 -0.64 15.40
N ALA A 66 13.00 -0.04 15.13
CA ALA A 66 12.97 1.18 14.35
C ALA A 66 13.50 2.39 15.10
N GLY A 67 13.47 2.36 16.41
CA GLY A 67 14.05 3.42 17.20
C GLY A 67 13.11 4.62 17.38
N ALA A 68 11.89 4.54 16.87
CA ALA A 68 10.93 5.62 16.91
C ALA A 68 9.60 5.01 16.50
N LYS A 69 8.50 5.72 16.75
CA LYS A 69 7.22 5.24 16.32
C LYS A 69 7.11 5.30 14.81
N VAL A 70 6.35 4.35 14.29
CA VAL A 70 6.16 4.19 12.87
C VAL A 70 4.68 4.36 12.48
N GLY A 71 4.44 4.74 11.24
CA GLY A 71 3.09 4.82 10.69
C GLY A 71 2.50 3.43 10.44
N VAL A 72 1.23 3.42 10.00
CA VAL A 72 0.46 2.18 9.88
C VAL A 72 -0.08 2.09 8.46
N ILE A 73 0.08 0.93 7.86
CA ILE A 73 -0.46 0.62 6.54
C ILE A 73 -1.39 -0.60 6.69
N ALA A 74 -2.60 -0.49 6.09
CA ALA A 74 -3.54 -1.61 6.05
C ALA A 74 -3.67 -2.11 4.61
N ILE A 75 -3.57 -3.45 4.45
CA ILE A 75 -3.56 -4.05 3.13
C ILE A 75 -4.68 -5.09 3.04
N VAL A 76 -5.44 -5.04 1.94
CA VAL A 76 -6.61 -5.89 1.76
C VAL A 76 -6.52 -6.70 0.47
N PRO A 77 -6.88 -7.99 0.50
CA PRO A 77 -6.86 -8.84 -0.68
C PRO A 77 -8.02 -8.63 -1.59
N GLY A 78 -7.99 -9.48 -2.65
CA GLY A 78 -9.00 -9.56 -3.68
C GLY A 78 -10.16 -10.59 -3.41
N TYR A 79 -11.11 -10.56 -4.37
CA TYR A 79 -12.26 -11.48 -4.40
CA TYR A 79 -12.23 -11.49 -4.53
C TYR A 79 -11.77 -12.94 -4.37
N LEU A 80 -12.45 -13.73 -3.55
CA LEU A 80 -12.08 -15.13 -3.39
C LEU A 80 -10.69 -15.34 -2.79
N SER A 81 -10.03 -14.33 -2.21
CA SER A 81 -8.63 -14.48 -1.81
C SER A 81 -8.48 -14.11 -0.34
N TYR A 82 -7.37 -14.56 0.18
CA TYR A 82 -6.99 -14.43 1.57
C TYR A 82 -5.72 -13.60 1.72
N GLN A 83 -5.30 -13.38 2.97
CA GLN A 83 -4.11 -12.62 3.30
C GLN A 83 -2.92 -13.03 2.46
N SER A 84 -2.74 -14.32 2.19
CA SER A 84 -1.54 -14.78 1.49
C SER A 84 -1.33 -14.03 0.17
N SER A 85 -2.39 -13.59 -0.51
CA SER A 85 -2.28 -12.93 -1.79
C SER A 85 -1.57 -11.58 -1.70
N ILE A 86 -1.54 -10.97 -0.50
CA ILE A 86 -0.91 -9.67 -0.29
C ILE A 86 0.20 -9.71 0.76
N GLU A 87 0.48 -10.88 1.30
CA GLU A 87 1.37 -11.03 2.46
C GLU A 87 2.79 -10.54 2.24
N TRP A 88 3.33 -10.62 1.03
CA TRP A 88 4.75 -10.30 0.87
C TRP A 88 5.03 -8.87 1.27
N TRP A 89 4.04 -7.98 1.12
CA TRP A 89 4.23 -6.60 1.51
C TRP A 89 4.45 -6.43 3.02
N GLY A 90 3.92 -7.33 3.84
CA GLY A 90 3.98 -7.18 5.29
C GLY A 90 5.43 -7.06 5.76
N PRO A 91 6.26 -8.09 5.55
CA PRO A 91 7.63 -8.01 5.97
C PRO A 91 8.41 -6.97 5.19
N ARG A 92 8.12 -6.82 3.90
CA ARG A 92 8.88 -5.88 3.08
C ARG A 92 8.74 -4.47 3.64
N LEU A 93 7.50 -4.00 3.78
CA LEU A 93 7.34 -2.66 4.30
C LEU A 93 7.70 -2.56 5.78
N ALA A 94 7.38 -3.53 6.58
CA ALA A 94 7.67 -3.44 8.01
C ALA A 94 9.17 -3.29 8.22
N SER A 95 9.98 -4.01 7.45
CA SER A 95 11.43 -3.97 7.59
C SER A 95 12.03 -2.60 7.24
N HIS A 96 11.24 -1.73 6.61
CA HIS A 96 11.69 -0.38 6.35
C HIS A 96 11.12 0.64 7.33
N GLY A 97 10.24 0.25 8.26
CA GLY A 97 9.76 1.11 9.32
C GLY A 97 8.30 1.49 9.21
N PHE A 98 7.42 0.49 9.19
CA PHE A 98 5.98 0.67 9.17
C PHE A 98 5.36 -0.48 9.95
N ALA A 99 4.22 -0.24 10.56
CA ALA A 99 3.38 -1.31 11.09
C ALA A 99 2.39 -1.64 9.97
N VAL A 100 2.36 -2.87 9.50
CA VAL A 100 1.63 -3.25 8.31
C VAL A 100 0.69 -4.37 8.69
N VAL A 101 -0.61 -4.14 8.51
CA VAL A 101 -1.61 -5.15 8.80
C VAL A 101 -2.18 -5.66 7.49
N THR A 102 -2.11 -6.98 7.33
CA THR A 102 -2.67 -7.69 6.19
C THR A 102 -3.90 -8.40 6.72
N ILE A 103 -5.09 -8.10 6.17
CA ILE A 103 -6.34 -8.65 6.68
C ILE A 103 -6.94 -9.68 5.73
N ASP A 104 -7.73 -10.53 6.33
CA ASP A 104 -8.77 -11.27 5.65
C ASP A 104 -10.05 -10.46 5.77
N THR A 105 -10.95 -10.69 4.82
CA THR A 105 -12.23 -10.03 4.87
C THR A 105 -13.30 -10.88 5.51
N LEU A 106 -14.43 -10.21 5.86
CA LEU A 106 -15.58 -10.86 6.46
C LEU A 106 -15.96 -12.07 5.62
N THR A 107 -16.09 -11.89 4.33
CA THR A 107 -16.25 -13.01 3.39
C THR A 107 -15.35 -12.78 2.19
N ILE A 108 -15.08 -13.88 1.48
CA ILE A 108 -14.23 -13.80 0.31
C ILE A 108 -14.97 -13.18 -0.87
N TYR A 109 -16.29 -12.96 -0.74
CA TYR A 109 -17.11 -12.40 -1.81
C TYR A 109 -17.31 -10.89 -1.64
N ASP A 110 -16.71 -10.28 -0.63
CA ASP A 110 -17.02 -8.90 -0.30
C ASP A 110 -16.61 -8.00 -1.45
N GLN A 111 -17.36 -6.94 -1.70
CA GLN A 111 -17.09 -6.02 -2.79
C GLN A 111 -16.20 -4.87 -2.34
N PRO A 112 -15.75 -3.99 -3.24
CA PRO A 112 -14.77 -2.97 -2.89
C PRO A 112 -15.20 -2.07 -1.73
N SER A 113 -16.47 -1.62 -1.70
CA SER A 113 -16.85 -0.70 -0.64
CA SER A 113 -16.92 -0.72 -0.64
C SER A 113 -16.73 -1.36 0.73
N SER A 114 -17.10 -2.64 0.85
CA SER A 114 -16.97 -3.37 2.08
C SER A 114 -15.51 -3.54 2.43
N ARG A 115 -14.67 -3.82 1.42
CA ARG A 115 -13.26 -4.03 1.69
C ARG A 115 -12.68 -2.72 2.23
N SER A 116 -13.10 -1.57 1.66
CA SER A 116 -12.65 -0.27 2.18
C SER A 116 -13.03 -0.12 3.67
N SER A 117 -14.31 -0.38 4.02
CA SER A 117 -14.67 -0.25 5.41
C SER A 117 -13.79 -1.08 6.35
N GLN A 118 -13.55 -2.32 5.92
CA GLN A 118 -12.73 -3.24 6.70
C GLN A 118 -11.29 -2.74 6.82
N GLN A 119 -10.74 -2.22 5.72
CA GLN A 119 -9.41 -1.65 5.74
C GLN A 119 -9.30 -0.50 6.75
N LEU A 120 -10.30 0.40 6.75
CA LEU A 120 -10.25 1.54 7.66
C LEU A 120 -10.35 1.07 9.11
N ARG A 121 -11.20 0.09 9.39
CA ARG A 121 -11.27 -0.47 10.72
C ARG A 121 -9.93 -1.06 11.16
N ALA A 122 -9.25 -1.79 10.26
CA ALA A 122 -7.96 -2.34 10.60
C ALA A 122 -6.95 -1.24 10.94
N LEU A 123 -6.88 -0.17 10.15
CA LEU A 123 -6.01 0.96 10.49
C LEU A 123 -6.30 1.41 11.91
N ASP A 124 -7.57 1.70 12.22
CA ASP A 124 -7.94 2.30 13.48
C ASP A 124 -7.58 1.35 14.61
N GLN A 125 -7.80 0.06 14.39
CA GLN A 125 -7.55 -0.91 15.47
C GLN A 125 -6.06 -1.09 15.76
N VAL A 126 -5.23 -1.06 14.72
CA VAL A 126 -3.79 -1.13 14.96
C VAL A 126 -3.34 0.09 15.73
N VAL A 127 -3.80 1.27 15.31
CA VAL A 127 -3.47 2.46 16.05
C VAL A 127 -3.86 2.32 17.52
N ALA A 128 -5.06 1.78 17.80
CA ALA A 128 -5.47 1.65 19.18
C ALA A 128 -4.59 0.69 19.99
N LEU A 129 -4.05 -0.37 19.37
CA LEU A 129 -3.13 -1.27 20.07
C LEU A 129 -1.84 -0.54 20.47
N GLY A 130 -1.43 0.46 19.71
CA GLY A 130 -0.25 1.23 20.08
C GLY A 130 -0.36 1.96 21.39
N SER A 131 -1.58 2.05 21.95
CA SER A 131 -1.84 2.77 23.19
CA SER A 131 -1.81 2.76 23.20
C SER A 131 -2.28 1.78 24.27
N LYS A 132 -2.18 0.49 23.97
CA LYS A 132 -2.56 -0.56 24.90
C LYS A 132 -1.29 -1.17 25.52
N SER A 133 -1.10 -1.01 26.83
CA SER A 133 0.15 -1.38 27.48
C SER A 133 0.42 -2.88 27.42
N THR A 134 -0.60 -3.70 27.19
CA THR A 134 -0.39 -5.14 27.09
C THR A 134 -0.09 -5.61 25.67
N SER A 135 -0.16 -4.70 24.68
CA SER A 135 0.08 -5.05 23.29
C SER A 135 1.56 -4.95 22.96
N PRO A 136 2.13 -5.89 22.20
CA PRO A 136 3.48 -5.74 21.66
C PRO A 136 3.70 -4.45 20.88
N LEU A 137 2.61 -3.82 20.41
CA LEU A 137 2.71 -2.60 19.63
C LEU A 137 2.74 -1.35 20.50
N TYR A 138 2.64 -1.54 21.80
CA TYR A 138 2.61 -0.39 22.71
C TYR A 138 3.78 0.54 22.47
N ASN A 139 3.44 1.83 22.27
CA ASN A 139 4.40 2.90 22.04
C ASN A 139 5.25 2.78 20.78
N LYS A 140 4.82 1.93 19.84
CA LYS A 140 5.60 1.74 18.62
C LYS A 140 4.94 2.36 17.39
N VAL A 141 3.72 2.91 17.53
CA VAL A 141 2.97 3.33 16.35
C VAL A 141 2.48 4.77 16.48
N ASP A 142 2.43 5.45 15.33
CA ASP A 142 2.00 6.83 15.23
C ASP A 142 0.76 6.88 14.34
N GLY A 143 -0.41 7.06 14.96
CA GLY A 143 -1.67 7.07 14.26
C GLY A 143 -1.91 8.31 13.41
N SER A 144 -1.03 9.30 13.50
CA SER A 144 -1.14 10.46 12.63
C SER A 144 -0.63 10.22 11.21
N ARG A 145 -0.05 9.03 10.94
CA ARG A 145 0.61 8.74 9.66
C ARG A 145 0.09 7.38 9.19
N THR A 146 -0.78 7.34 8.16
CA THR A 146 -1.36 6.06 7.74
C THR A 146 -1.41 5.94 6.21
N GLY A 147 -1.44 4.71 5.73
CA GLY A 147 -1.51 4.40 4.31
C GLY A 147 -2.38 3.18 4.05
N VAL A 148 -2.80 3.05 2.80
CA VAL A 148 -3.66 1.96 2.35
C VAL A 148 -3.09 1.32 1.09
N MET A 149 -3.14 -0.02 1.06
CA MET A 149 -2.76 -0.79 -0.12
C MET A 149 -3.76 -1.93 -0.30
N GLY A 150 -3.67 -2.62 -1.45
CA GLY A 150 -4.51 -3.78 -1.65
C GLY A 150 -4.58 -4.18 -3.11
N TRP A 151 -5.04 -5.39 -3.33
CA TRP A 151 -5.01 -5.99 -4.65
C TRP A 151 -6.41 -6.22 -5.16
N SER A 152 -6.65 -5.87 -6.43
CA SER A 152 -7.83 -6.29 -7.15
C SER A 152 -9.03 -5.57 -6.53
N MET A 153 -10.07 -6.26 -6.09
CA MET A 153 -11.17 -5.59 -5.39
C MET A 153 -10.67 -4.83 -4.18
N GLY A 154 -9.57 -5.31 -3.57
CA GLY A 154 -8.96 -4.60 -2.45
C GLY A 154 -8.18 -3.39 -2.89
N GLY A 155 -7.79 -3.35 -4.16
CA GLY A 155 -7.18 -2.17 -4.75
C GLY A 155 -8.24 -1.10 -5.01
N GLY A 156 -9.40 -1.50 -5.58
CA GLY A 156 -10.52 -0.58 -5.62
C GLY A 156 -10.88 -0.11 -4.22
N GLY A 157 -10.89 -1.02 -3.27
CA GLY A 157 -11.23 -0.65 -1.90
C GLY A 157 -10.26 0.40 -1.35
N SER A 158 -8.98 0.31 -1.73
CA SER A 158 -7.98 1.26 -1.22
C SER A 158 -8.22 2.65 -1.81
N LEU A 159 -8.58 2.72 -3.11
CA LEU A 159 -8.95 4.01 -3.71
C LEU A 159 -10.16 4.58 -2.99
N ILE A 160 -11.18 3.74 -2.70
CA ILE A 160 -12.35 4.15 -1.95
C ILE A 160 -11.95 4.68 -0.56
N SER A 161 -11.05 4.01 0.11
CA SER A 161 -10.62 4.45 1.44
C SER A 161 -10.01 5.85 1.35
N ALA A 162 -9.09 6.03 0.37
CA ALA A 162 -8.47 7.34 0.19
C ALA A 162 -9.50 8.42 -0.14
N GLN A 163 -10.52 8.07 -0.93
CA GLN A 163 -11.60 8.99 -1.25
C GLN A 163 -12.41 9.38 -0.03
N ASN A 164 -12.68 8.39 0.84
CA ASN A 164 -13.59 8.62 1.93
C ASN A 164 -12.90 9.16 3.19
N ARG A 165 -11.59 8.97 3.32
CA ARG A 165 -10.84 9.40 4.48
C ARG A 165 -9.57 10.09 3.96
N PRO A 166 -9.70 11.39 3.55
CA PRO A 166 -8.56 12.10 2.99
C PRO A 166 -7.42 12.39 3.97
N SER A 167 -7.57 12.11 5.25
CA SER A 167 -6.45 12.24 6.16
C SER A 167 -5.43 11.11 5.98
N ILE A 168 -5.78 10.05 5.25
CA ILE A 168 -4.79 9.04 4.89
C ILE A 168 -3.65 9.73 4.14
N LYS A 169 -2.43 9.29 4.40
CA LYS A 169 -1.28 9.97 3.82
C LYS A 169 -0.82 9.40 2.47
N ALA A 170 -1.17 8.16 2.16
CA ALA A 170 -0.71 7.61 0.89
C ALA A 170 -1.55 6.36 0.56
N ALA A 171 -1.71 6.10 -0.73
CA ALA A 171 -2.35 4.90 -1.23
C ALA A 171 -1.51 4.28 -2.33
N ALA A 172 -1.42 2.93 -2.34
CA ALA A 172 -0.67 2.28 -3.42
C ALA A 172 -1.33 0.95 -3.79
N PRO A 173 -2.52 0.99 -4.40
CA PRO A 173 -3.21 -0.23 -4.83
C PRO A 173 -2.52 -0.92 -6.01
N GLN A 174 -2.75 -2.22 -6.17
CA GLN A 174 -2.19 -3.01 -7.24
C GLN A 174 -3.29 -3.74 -7.97
N ALA A 175 -3.18 -3.76 -9.29
CA ALA A 175 -4.18 -4.32 -10.20
C ALA A 175 -5.58 -3.99 -9.73
N PRO A 176 -5.84 -2.71 -9.51
CA PRO A 176 -7.12 -2.36 -8.91
C PRO A 176 -8.31 -2.70 -9.83
N TRP A 177 -9.39 -3.10 -9.21
CA TRP A 177 -10.65 -3.46 -9.86
C TRP A 177 -11.75 -2.67 -9.17
N ASN A 178 -12.60 -2.01 -9.92
CA ASN A 178 -13.76 -1.28 -9.42
C ASN A 178 -14.74 -1.06 -10.56
N THR A 179 -16.04 -1.05 -10.27
CA THR A 179 -17.03 -0.88 -11.35
C THR A 179 -17.20 0.58 -11.77
N THR A 180 -16.72 1.53 -10.98
CA THR A 180 -16.72 2.92 -11.39
C THR A 180 -15.31 3.49 -11.27
N SER A 181 -15.09 4.64 -11.93
CA SER A 181 -13.74 5.16 -12.11
C SER A 181 -13.61 6.62 -11.71
N ASN A 182 -14.58 7.18 -11.02
CA ASN A 182 -14.50 8.60 -10.69
C ASN A 182 -13.79 8.82 -9.36
N PHE A 183 -12.47 8.92 -9.42
CA PHE A 183 -11.62 9.19 -8.27
C PHE A 183 -11.07 10.61 -8.35
N SER A 184 -11.84 11.52 -8.96
CA SER A 184 -11.39 12.89 -9.13
C SER A 184 -11.29 13.66 -7.83
N SER A 185 -12.01 13.26 -6.78
CA SER A 185 -11.92 13.97 -5.50
C SER A 185 -10.62 13.67 -4.76
N LEU A 186 -9.81 12.67 -5.16
CA LEU A 186 -8.70 12.22 -4.31
C LEU A 186 -7.66 13.33 -4.13
N THR A 187 -7.29 13.59 -2.87
CA THR A 187 -6.16 14.43 -2.50
C THR A 187 -5.00 13.63 -1.93
N VAL A 188 -5.20 12.33 -1.73
CA VAL A 188 -4.19 11.47 -1.18
C VAL A 188 -3.19 11.09 -2.25
N PRO A 189 -1.89 11.22 -1.99
CA PRO A 189 -0.87 10.71 -2.92
C PRO A 189 -1.09 9.23 -3.25
N THR A 190 -1.28 8.95 -4.55
CA THR A 190 -1.73 7.64 -4.98
C THR A 190 -0.83 7.08 -6.08
N LEU A 191 -0.24 5.94 -5.83
CA LEU A 191 0.54 5.16 -6.81
C LEU A 191 -0.33 3.97 -7.23
N ILE A 192 -0.57 3.83 -8.54
CA ILE A 192 -1.28 2.67 -9.05
C ILE A 192 -0.29 1.75 -9.76
N PHE A 193 -0.22 0.51 -9.28
CA PHE A 193 0.47 -0.59 -9.93
C PHE A 193 -0.52 -1.27 -10.87
N ALA A 194 -0.19 -1.37 -12.15
CA ALA A 194 -1.12 -1.91 -13.15
C ALA A 194 -0.47 -3.07 -13.88
N CYS A 195 -1.26 -4.08 -14.23
CA CYS A 195 -0.81 -5.28 -14.92
C CYS A 195 -1.20 -5.22 -16.39
N GLN A 196 -0.24 -5.04 -17.30
CA GLN A 196 -0.56 -4.64 -18.66
C GLN A 196 -1.63 -5.56 -19.30
N ALA A 197 -1.46 -6.87 -19.17
CA ALA A 197 -2.29 -7.85 -19.85
C ALA A 197 -3.39 -8.40 -18.93
N ASP A 198 -3.81 -7.61 -17.96
CA ASP A 198 -4.82 -8.04 -16.99
C ASP A 198 -6.12 -8.35 -17.75
N VAL A 199 -6.69 -9.54 -17.53
CA VAL A 199 -8.00 -9.89 -18.08
C VAL A 199 -9.14 -9.69 -17.08
N VAL A 200 -8.82 -9.53 -15.80
CA VAL A 200 -9.83 -9.43 -14.74
C VAL A 200 -10.25 -7.97 -14.57
N ALA A 201 -9.25 -7.10 -14.44
CA ALA A 201 -9.36 -5.66 -14.35
C ALA A 201 -8.59 -5.03 -15.51
N PRO A 202 -9.02 -5.21 -16.78
CA PRO A 202 -8.24 -4.73 -17.91
C PRO A 202 -7.89 -3.26 -17.71
N ILE A 203 -6.66 -2.91 -18.02
CA ILE A 203 -6.16 -1.60 -17.65
C ILE A 203 -6.91 -0.49 -18.39
N LEU A 204 -7.39 -0.74 -19.62
CA LEU A 204 -8.05 0.35 -20.34
C LEU A 204 -9.42 0.68 -19.71
N SER A 205 -10.01 -0.21 -18.90
CA SER A 205 -11.30 -0.03 -18.23
CA SER A 205 -11.29 0.11 -18.26
C SER A 205 -11.18 0.26 -16.74
N HIS A 206 -10.05 -0.11 -16.11
CA HIS A 206 -9.90 -0.01 -14.65
C HIS A 206 -8.69 0.88 -14.34
N ALA A 207 -7.45 0.37 -14.26
CA ALA A 207 -6.34 1.17 -13.80
C ALA A 207 -6.19 2.50 -14.52
N VAL A 208 -6.20 2.50 -15.86
CA VAL A 208 -5.94 3.74 -16.58
C VAL A 208 -7.04 4.78 -16.32
N PRO A 209 -8.34 4.48 -16.48
CA PRO A 209 -9.36 5.44 -16.06
C PRO A 209 -9.22 5.93 -14.60
N PHE A 210 -8.90 5.03 -13.66
CA PHE A 210 -8.74 5.46 -12.28
C PHE A 210 -7.64 6.53 -12.19
N TYR A 211 -6.49 6.22 -12.78
CA TYR A 211 -5.38 7.17 -12.81
C TYR A 211 -5.75 8.48 -13.48
N ASN A 212 -6.38 8.40 -14.66
CA ASN A 212 -6.70 9.61 -15.39
C ASN A 212 -7.71 10.50 -14.65
N SER A 213 -8.56 9.93 -13.81
CA SER A 213 -9.58 10.72 -13.12
C SER A 213 -8.95 11.68 -12.10
N MET A 214 -7.71 11.43 -11.67
CA MET A 214 -7.13 12.14 -10.53
C MET A 214 -6.43 13.43 -11.00
N SER A 215 -6.67 14.55 -10.36
CA SER A 215 -6.03 15.80 -10.74
C SER A 215 -5.56 16.63 -9.55
N ARG A 216 -5.89 16.26 -8.32
CA ARG A 216 -5.64 17.14 -7.20
C ARG A 216 -4.45 16.65 -6.35
N ASN A 217 -3.85 15.53 -6.73
CA ASN A 217 -2.96 14.81 -5.84
C ASN A 217 -1.64 14.47 -6.53
N PRO A 218 -0.56 14.27 -5.76
CA PRO A 218 0.58 13.54 -6.31
C PRO A 218 0.05 12.18 -6.73
N LYS A 219 0.46 11.71 -7.90
CA LYS A 219 -0.03 10.44 -8.39
C LYS A 219 1.02 9.80 -9.29
N GLN A 220 0.95 8.49 -9.43
CA GLN A 220 1.88 7.74 -10.24
C GLN A 220 1.20 6.50 -10.78
N TYR A 221 1.69 6.06 -11.94
CA TYR A 221 1.21 4.86 -12.62
C TYR A 221 2.42 4.05 -13.04
N LEU A 222 2.50 2.78 -12.64
CA LEU A 222 3.60 1.93 -13.03
C LEU A 222 2.98 0.61 -13.52
N GLU A 223 3.29 0.26 -14.76
CA GLU A 223 2.64 -0.88 -15.43
C GLU A 223 3.67 -1.96 -15.70
N ARG A 224 3.33 -3.20 -15.32
CA ARG A 224 4.23 -4.34 -15.53
C ARG A 224 3.93 -4.98 -16.88
N THR A 225 4.98 -5.08 -17.70
CA THR A 225 4.90 -5.66 -19.03
C THR A 225 4.28 -7.04 -19.02
N ALA A 226 3.25 -7.23 -19.86
CA ALA A 226 2.58 -8.53 -20.06
C ALA A 226 2.06 -9.10 -18.74
N GLY A 227 1.83 -8.27 -17.73
CA GLY A 227 1.42 -8.84 -16.47
C GLY A 227 -0.03 -9.32 -16.48
N ASP A 228 -0.26 -10.45 -15.79
CA ASP A 228 -1.62 -10.90 -15.57
C ASP A 228 -2.11 -10.26 -14.27
N HIS A 229 -3.36 -10.54 -13.90
CA HIS A 229 -3.98 -9.84 -12.77
C HIS A 229 -3.25 -10.04 -11.45
N PHE A 230 -2.47 -11.13 -11.35
CA PHE A 230 -1.75 -11.48 -10.13
C PHE A 230 -0.31 -10.98 -10.15
N CYS A 231 0.05 -10.12 -11.12
CA CYS A 231 1.45 -9.79 -11.40
C CYS A 231 2.18 -9.07 -10.28
N PHE A 232 1.51 -8.51 -9.29
CA PHE A 232 2.18 -7.82 -8.19
C PHE A 232 2.17 -8.64 -6.92
N ASN A 233 1.75 -9.91 -6.97
CA ASN A 233 1.44 -10.66 -5.75
C ASN A 233 2.67 -11.44 -5.27
N ASN A 234 3.82 -11.32 -5.92
CA ASN A 234 4.96 -12.18 -5.62
C ASN A 234 6.35 -11.50 -5.56
N ALA A 235 6.44 -10.35 -4.98
CA ALA A 235 7.70 -9.72 -4.54
C ALA A 235 8.69 -9.34 -5.64
N ASN A 236 8.33 -8.52 -6.58
CA ASN A 236 9.25 -7.98 -7.56
C ASN A 236 10.13 -6.90 -6.94
N PRO A 237 11.43 -6.80 -7.26
CA PRO A 237 12.32 -5.83 -6.58
C PRO A 237 12.00 -4.37 -6.89
N THR A 238 11.64 -4.06 -8.15
CA THR A 238 11.24 -2.69 -8.50
C THR A 238 9.92 -2.31 -7.87
N VAL A 239 8.97 -3.25 -7.81
CA VAL A 239 7.70 -3.01 -7.14
C VAL A 239 7.94 -2.72 -5.66
N GLY A 240 8.77 -3.53 -5.03
CA GLY A 240 9.14 -3.30 -3.65
C GLY A 240 9.81 -1.96 -3.40
N LEU A 241 10.75 -1.59 -4.28
CA LEU A 241 11.41 -0.31 -4.18
C LEU A 241 10.35 0.78 -4.23
N LYS A 242 9.44 0.70 -5.21
CA LYS A 242 8.45 1.76 -5.41
C LYS A 242 7.46 1.85 -4.28
N GLY A 243 6.93 0.73 -3.81
CA GLY A 243 6.00 0.80 -2.71
C GLY A 243 6.62 1.39 -1.45
N VAL A 244 7.83 0.93 -1.10
CA VAL A 244 8.49 1.51 0.07
C VAL A 244 8.80 2.98 -0.13
N ALA A 245 9.31 3.35 -1.31
CA ALA A 245 9.67 4.74 -1.54
C ALA A 245 8.45 5.66 -1.48
N TRP A 246 7.32 5.22 -2.04
CA TRP A 246 6.10 6.00 -2.04
C TRP A 246 5.61 6.21 -0.60
N MET A 247 5.61 5.13 0.19
CA MET A 247 5.14 5.24 1.56
CA MET A 247 5.16 5.22 1.57
C MET A 247 6.11 6.05 2.41
N LYS A 248 7.43 5.87 2.25
CA LYS A 248 8.39 6.71 2.97
C LYS A 248 8.16 8.18 2.64
N ARG A 249 8.07 8.50 1.34
CA ARG A 249 7.95 9.89 0.96
C ARG A 249 6.64 10.48 1.51
N PHE A 250 5.51 9.79 1.38
CA PHE A 250 4.21 10.44 1.63
C PHE A 250 3.63 10.12 3.02
N ILE A 251 3.86 8.94 3.60
CA ILE A 251 3.45 8.68 4.97
C ILE A 251 4.37 9.44 5.91
N ASP A 252 5.68 9.27 5.75
CA ASP A 252 6.63 9.88 6.67
C ASP A 252 6.99 11.30 6.31
N GLY A 253 6.76 11.72 5.06
CA GLY A 253 7.25 13.02 4.64
C GLY A 253 8.78 13.04 4.47
N ASP A 254 9.38 11.87 4.24
CA ASP A 254 10.82 11.73 4.22
C ASP A 254 11.33 12.12 2.84
N THR A 255 11.87 13.34 2.71
CA THR A 255 12.26 13.82 1.41
C THR A 255 13.53 13.16 0.89
N ARG A 256 14.21 12.33 1.66
CA ARG A 256 15.30 11.55 1.12
C ARG A 256 14.76 10.59 0.07
N TYR A 257 13.45 10.30 0.13
CA TYR A 257 12.84 9.34 -0.79
C TYR A 257 12.17 10.02 -1.99
N THR A 258 12.29 11.34 -2.14
CA THR A 258 11.59 11.99 -3.24
C THR A 258 12.07 11.45 -4.57
N SER A 259 13.39 11.27 -4.75
CA SER A 259 13.93 10.81 -6.01
CA SER A 259 13.83 10.85 -6.06
C SER A 259 13.35 9.42 -6.35
N PHE A 260 13.44 8.51 -5.39
CA PHE A 260 12.98 7.15 -5.62
C PHE A 260 11.46 7.12 -5.87
N ALA A 261 10.70 7.90 -5.10
CA ALA A 261 9.24 7.92 -5.20
C ALA A 261 8.79 8.51 -6.53
N CYS A 262 9.45 9.57 -6.97
CA CYS A 262 8.93 10.35 -8.09
C CYS A 262 9.53 9.96 -9.44
N SER A 263 10.69 9.31 -9.50
CA SER A 263 11.42 9.06 -10.74
C SER A 263 10.91 7.80 -11.43
N ASN A 264 11.07 7.79 -12.76
CA ASN A 264 10.90 6.58 -13.53
C ASN A 264 11.98 5.62 -13.04
N PRO A 265 11.65 4.39 -12.60
CA PRO A 265 12.67 3.48 -12.09
C PRO A 265 13.59 2.94 -13.18
N ASN A 266 13.26 3.16 -14.45
CA ASN A 266 14.10 2.76 -15.56
C ASN A 266 14.48 1.28 -15.42
N ALA A 267 13.43 0.48 -15.26
CA ALA A 267 13.57 -0.93 -14.94
C ALA A 267 13.05 -1.77 -16.09
N LEU A 268 13.76 -2.89 -16.32
CA LEU A 268 13.30 -3.91 -17.24
C LEU A 268 11.98 -4.49 -16.76
N GLY A 269 11.08 -4.70 -17.73
CA GLY A 269 9.86 -5.40 -17.37
C GLY A 269 8.67 -4.51 -17.10
N PHE A 270 8.80 -3.19 -17.34
CA PHE A 270 7.70 -2.28 -17.12
C PHE A 270 7.38 -1.57 -18.42
N SER A 271 6.10 -1.54 -18.76
CA SER A 271 5.63 -1.08 -20.06
C SER A 271 5.18 0.36 -20.07
N SER A 272 4.84 0.94 -18.92
CA SER A 272 4.39 2.33 -18.85
CA SER A 272 4.38 2.32 -18.86
C SER A 272 4.77 2.91 -17.50
N PHE A 273 5.08 4.22 -17.51
CA PHE A 273 5.33 4.96 -16.28
C PHE A 273 4.80 6.38 -16.51
N ARG A 274 4.00 6.86 -15.56
CA ARG A 274 3.49 8.22 -15.63
C ARG A 274 3.48 8.76 -14.21
N THR A 275 3.72 10.06 -14.02
CA THR A 275 3.59 10.66 -12.72
C THR A 275 3.22 12.12 -12.87
N GLU A 276 2.52 12.68 -11.87
CA GLU A 276 2.20 14.10 -11.83
C GLU A 276 2.24 14.59 -10.41
N ARG A 277 2.61 15.86 -10.25
CA ARG A 277 2.57 16.53 -8.94
C ARG A 277 3.46 15.79 -7.95
N CYS A 278 4.58 15.24 -8.48
CA CYS A 278 5.58 14.49 -7.74
C CYS A 278 6.93 15.07 -8.15
N SER A 279 7.31 16.21 -7.58
CA SER A 279 8.40 16.96 -8.18
C SER A 279 9.72 16.62 -7.50
N LEU A 280 10.81 16.62 -8.30
CA LEU A 280 12.19 16.43 -7.86
C LEU A 280 12.43 14.94 -7.59
#